data_1XHO
#
_entry.id   1XHO
#
_cell.length_a   48.201
_cell.length_b   48.201
_cell.length_c   123.693
_cell.angle_alpha   90.00
_cell.angle_beta   90.00
_cell.angle_gamma   120.00
#
_symmetry.space_group_name_H-M   'P 31'
#
loop_
_entity.id
_entity.type
_entity.pdbx_description
1 polymer 'Chorismate mutase'
2 non-polymer 'UNKNOWN ATOM OR ION'
3 water water
#
_entity_poly.entity_id   1
_entity_poly.type   'polypeptide(L)'
_entity_poly.pdbx_seq_one_letter_code
;(MSE)GSSHHHHHHSSGLVPRGSQSTSLYKKAGL(MSE)VWAIRGATTVSDNTADEIVAETQKLLKE(MSE)AEKNGLEE
DDIISIIFTVTKDLDAAFPAIAARN(MSE)GWTSTAL(MSE)C(MSE)NEIDVPGSLEKCIRV(MSE)(MSE)HVNTDKD
KKDIKHVYLNGAKVLRPDLT
;
_entity_poly.pdbx_strand_id   A,B,C
#
loop_
_chem_comp.id
_chem_comp.type
_chem_comp.name
_chem_comp.formula
UNX non-polymer 'UNKNOWN ATOM OR ION' ?
#
# COMPACT_ATOMS: atom_id res chain seq x y z
N VAL A 32 -2.33 -16.32 4.89
CA VAL A 32 -2.19 -14.83 4.70
C VAL A 32 -3.45 -14.06 5.12
N TRP A 33 -3.34 -13.31 6.22
CA TRP A 33 -4.35 -12.33 6.58
C TRP A 33 -3.65 -11.00 6.83
N ALA A 34 -4.44 -9.93 6.94
CA ALA A 34 -3.89 -8.61 7.18
C ALA A 34 -4.37 -8.08 8.53
N ILE A 35 -3.48 -7.40 9.24
CA ILE A 35 -3.78 -6.82 10.54
C ILE A 35 -3.63 -5.31 10.46
N ARG A 36 -4.62 -4.60 10.98
CA ARG A 36 -4.59 -3.14 11.09
C ARG A 36 -4.21 -2.67 12.50
N GLY A 37 -3.44 -1.61 12.57
CA GLY A 37 -3.20 -0.88 13.81
C GLY A 37 -3.36 0.63 13.62
N ALA A 38 -3.71 1.33 14.70
CA ALA A 38 -3.69 2.80 14.70
C ALA A 38 -3.41 3.34 16.09
N THR A 39 -2.76 4.49 16.12
CA THR A 39 -2.39 5.14 17.35
C THR A 39 -2.22 6.61 17.07
N THR A 40 -2.00 7.38 18.12
CA THR A 40 -1.73 8.80 17.98
C THR A 40 -0.53 9.22 18.80
N VAL A 41 0.00 10.38 18.44
CA VAL A 41 1.12 11.00 19.13
C VAL A 41 0.60 12.29 19.74
N SER A 42 1.31 12.79 20.75
CA SER A 42 1.00 14.07 21.38
C SER A 42 1.63 15.23 20.61
N ASP A 43 2.75 14.96 19.92
CA ASP A 43 3.52 15.99 19.21
C ASP A 43 4.17 15.42 17.95
N ASN A 44 4.39 16.28 16.97
CA ASN A 44 5.13 15.95 15.75
C ASN A 44 6.64 15.96 16.00
N THR A 45 7.13 14.96 16.74
CA THR A 45 8.57 14.79 16.99
C THR A 45 8.99 13.38 16.61
N ALA A 46 10.27 13.21 16.32
CA ALA A 46 10.81 11.90 15.98
C ALA A 46 10.67 10.88 17.12
N ASP A 47 10.89 11.30 18.36
CA ASP A 47 10.75 10.41 19.53
C ASP A 47 9.31 9.90 19.73
N GLU A 48 8.35 10.80 19.60
CA GLU A 48 6.94 10.46 19.78
C GLU A 48 6.43 9.51 18.66
N ILE A 49 6.82 9.80 17.42
CA ILE A 49 6.43 8.99 16.27
C ILE A 49 7.02 7.60 16.37
N VAL A 50 8.31 7.51 16.66
CA VAL A 50 8.98 6.21 16.79
C VAL A 50 8.48 5.40 18.00
N ALA A 51 8.40 6.05 19.16
CA ALA A 51 7.94 5.38 20.41
C ALA A 51 6.50 4.87 20.35
N GLU A 52 5.61 5.67 19.79
CA GLU A 52 4.20 5.25 19.70
C GLU A 52 3.95 4.17 18.65
N THR A 53 4.65 4.27 17.52
CA THR A 53 4.61 3.24 16.50
C THR A 53 5.17 1.93 17.05
N GLN A 54 6.31 2.00 17.73
CA GLN A 54 6.93 0.82 18.32
C GLN A 54 6.00 0.12 19.30
N LYS A 55 5.29 0.89 20.11
CA LYS A 55 4.29 0.35 21.06
C LYS A 55 3.11 -0.35 20.36
N LEU A 56 2.70 0.21 19.22
CA LEU A 56 1.62 -0.34 18.40
C LEU A 56 2.05 -1.65 17.75
N LEU A 57 3.20 -1.64 17.10
CA LEU A 57 3.75 -2.84 16.48
C LEU A 57 3.88 -4.00 17.49
N LYS A 58 4.40 -3.68 18.67
CA LYS A 58 4.65 -4.69 19.71
C LYS A 58 3.34 -5.32 20.19
N GLU A 59 2.32 -4.48 20.38
CA GLU A 59 0.99 -4.93 20.80
C GLU A 59 0.24 -5.67 19.70
N MSE A 60 0.44 -5.28 18.45
CA MSE A 60 -0.06 -6.08 17.31
C MSE A 60 0.58 -7.47 17.28
O MSE A 60 -0.10 -8.46 17.08
CB MSE A 60 0.19 -5.37 15.98
CG MSE A 60 -0.64 -4.08 15.81
SE MSE A 60 -0.11 -3.08 14.21
CE MSE A 60 -0.91 -4.29 12.82
N ALA A 61 1.90 -7.51 17.46
CA ALA A 61 2.64 -8.77 17.45
C ALA A 61 2.27 -9.70 18.63
N GLU A 62 2.11 -9.15 19.84
CA GLU A 62 1.78 -9.98 21.02
C GLU A 62 0.34 -10.50 20.97
N LYS A 63 -0.62 -9.61 20.70
CA LYS A 63 -2.04 -10.00 20.61
C LYS A 63 -2.35 -11.05 19.52
N ASN A 64 -1.46 -11.16 18.53
CA ASN A 64 -1.62 -12.13 17.43
C ASN A 64 -0.59 -13.26 17.40
N GLY A 65 0.29 -13.31 18.40
CA GLY A 65 1.25 -14.41 18.54
C GLY A 65 2.28 -14.48 17.43
N LEU A 66 2.71 -13.32 16.94
CA LEU A 66 3.63 -13.23 15.82
C LEU A 66 5.09 -13.10 16.23
N GLU A 67 5.97 -13.72 15.46
CA GLU A 67 7.40 -13.38 15.41
C GLU A 67 7.61 -12.73 14.05
N GLU A 68 8.82 -12.25 13.78
CA GLU A 68 9.12 -11.61 12.48
C GLU A 68 8.94 -12.57 11.31
N ASP A 69 9.34 -13.84 11.52
CA ASP A 69 9.19 -14.90 10.51
C ASP A 69 7.76 -14.99 9.94
N ASP A 70 6.76 -14.57 10.70
CA ASP A 70 5.37 -14.63 10.27
C ASP A 70 4.92 -13.39 9.48
N ILE A 71 5.71 -12.32 9.52
CA ILE A 71 5.30 -11.05 8.90
C ILE A 71 5.80 -11.02 7.46
N ILE A 72 4.88 -10.74 6.55
CA ILE A 72 5.16 -10.64 5.11
C ILE A 72 5.57 -9.19 4.76
N SER A 73 4.79 -8.23 5.25
CA SER A 73 5.03 -6.82 4.93
C SER A 73 4.33 -5.91 5.94
N ILE A 74 4.86 -4.70 6.08
CA ILE A 74 4.24 -3.68 6.92
C ILE A 74 4.16 -2.39 6.14
N ILE A 75 2.96 -1.83 6.07
CA ILE A 75 2.72 -0.54 5.46
C ILE A 75 2.31 0.42 6.57
N PHE A 76 3.00 1.54 6.66
CA PHE A 76 2.74 2.58 7.65
C PHE A 76 2.18 3.80 6.95
N THR A 77 1.21 4.46 7.56
CA THR A 77 0.82 5.82 7.12
C THR A 77 0.84 6.82 8.27
N VAL A 78 1.10 8.09 7.94
CA VAL A 78 0.92 9.16 8.88
C VAL A 78 0.09 10.27 8.25
N THR A 79 -0.74 10.89 9.07
CA THR A 79 -1.47 12.05 8.68
C THR A 79 -0.49 13.17 8.39
N LYS A 80 -0.86 14.05 7.46
CA LYS A 80 0.12 14.99 6.87
C LYS A 80 0.69 16.04 7.84
N ASP A 81 0.06 16.20 9.00
CA ASP A 81 0.60 17.05 10.10
C ASP A 81 1.83 16.44 10.78
N LEU A 82 2.06 15.15 10.59
CA LEU A 82 3.29 14.49 11.07
C LEU A 82 4.32 14.38 9.93
N ASP A 83 5.57 14.80 10.19
CA ASP A 83 6.67 14.65 9.20
C ASP A 83 8.05 14.48 9.84
N ALA A 84 8.09 14.24 11.14
CA ALA A 84 9.34 14.31 11.88
C ALA A 84 10.23 13.09 11.67
N ALA A 85 9.63 11.95 11.37
CA ALA A 85 10.38 10.69 11.21
C ALA A 85 9.62 9.66 10.38
N PHE A 86 10.37 8.71 9.81
CA PHE A 86 9.80 7.46 9.26
C PHE A 86 9.29 6.57 10.42
N PRO A 87 7.99 6.23 10.43
CA PRO A 87 7.50 5.21 11.40
C PRO A 87 8.19 3.84 11.32
N ALA A 88 8.74 3.50 10.14
CA ALA A 88 9.48 2.26 9.92
C ALA A 88 10.75 2.10 10.78
N ILE A 89 11.24 3.19 11.36
CA ILE A 89 12.35 3.12 12.32
C ILE A 89 11.97 2.24 13.51
N ALA A 90 10.71 2.34 13.96
CA ALA A 90 10.20 1.52 15.06
C ALA A 90 10.29 0.01 14.79
N ALA A 91 9.96 -0.41 13.56
CA ALA A 91 10.09 -1.81 13.16
C ALA A 91 11.55 -2.30 13.25
N ARG A 92 12.48 -1.47 12.78
CA ARG A 92 13.91 -1.74 12.91
C ARG A 92 14.36 -1.85 14.38
N ASN A 93 13.83 -0.97 15.24
CA ASN A 93 14.12 -1.00 16.69
C ASN A 93 13.65 -2.25 17.42
N MSE A 94 12.65 -2.93 16.86
CA MSE A 94 12.22 -4.22 17.40
C MSE A 94 12.88 -5.40 16.70
O MSE A 94 12.44 -6.52 16.87
CB MSE A 94 10.73 -4.35 17.30
CG MSE A 94 10.02 -3.55 18.32
SE MSE A 94 8.40 -3.16 17.53
CE MSE A 94 7.53 -4.91 17.87
N GLY A 95 13.92 -5.14 15.92
CA GLY A 95 14.69 -6.17 15.28
C GLY A 95 14.08 -6.72 14.01
N TRP A 96 13.06 -6.06 13.46
CA TRP A 96 12.43 -6.53 12.21
C TRP A 96 13.19 -5.97 11.02
N THR A 97 14.42 -6.45 10.86
CA THR A 97 15.36 -5.94 9.88
C THR A 97 15.32 -6.74 8.58
N SER A 98 14.53 -7.81 8.56
CA SER A 98 14.37 -8.66 7.35
C SER A 98 12.97 -8.55 6.69
N THR A 99 12.18 -7.57 7.11
CA THR A 99 10.80 -7.42 6.66
C THR A 99 10.64 -6.24 5.71
N ALA A 100 9.85 -6.44 4.65
CA ALA A 100 9.50 -5.39 3.70
C ALA A 100 8.63 -4.32 4.36
N LEU A 101 9.14 -3.09 4.36
CA LEU A 101 8.48 -1.92 4.95
C LEU A 101 8.25 -0.85 3.92
N MSE A 102 7.16 -0.09 4.09
CA MSE A 102 6.82 1.03 3.21
C MSE A 102 6.05 2.10 4.01
O MSE A 102 5.19 1.76 4.81
CB MSE A 102 5.98 0.51 2.05
CG MSE A 102 5.56 1.55 1.02
SE MSE A 102 5.75 0.94 -0.86
CE MSE A 102 7.74 0.94 -0.77
N CYS A 103 6.35 3.38 3.77
CA CYS A 103 5.70 4.51 4.46
C CYS A 103 5.16 5.56 3.51
N MSE A 104 3.91 5.96 3.73
CA MSE A 104 3.22 6.97 2.94
C MSE A 104 2.51 7.90 3.91
O MSE A 104 2.49 7.67 5.11
CB MSE A 104 2.15 6.33 2.07
CG MSE A 104 2.65 5.36 1.01
SE MSE A 104 2.89 3.53 1.67
CE MSE A 104 2.17 2.71 0.05
N ASN A 105 1.91 8.95 3.38
CA ASN A 105 0.94 9.70 4.16
C ASN A 105 -0.46 9.12 3.99
N GLU A 106 -1.25 9.25 5.05
CA GLU A 106 -2.67 8.98 5.02
C GLU A 106 -3.39 9.90 4.00
N ILE A 107 -4.44 9.37 3.39
CA ILE A 107 -5.32 10.19 2.57
C ILE A 107 -5.65 11.52 3.29
N ASP A 108 -5.59 12.62 2.53
CA ASP A 108 -5.89 13.94 3.06
C ASP A 108 -7.40 14.13 3.05
N VAL A 109 -8.03 13.87 4.19
CA VAL A 109 -9.47 14.12 4.36
C VAL A 109 -9.68 15.07 5.53
N PRO A 110 -10.02 16.34 5.25
CA PRO A 110 -10.38 17.28 6.33
C PRO A 110 -11.46 16.73 7.24
N GLY A 111 -11.38 17.03 8.53
CA GLY A 111 -12.36 16.54 9.48
C GLY A 111 -12.04 15.17 10.04
N SER A 112 -10.81 14.71 9.84
CA SER A 112 -10.44 13.40 10.36
C SER A 112 -9.38 13.50 11.46
N LEU A 113 -9.09 12.37 12.08
CA LEU A 113 -8.11 12.31 13.15
C LEU A 113 -6.73 12.73 12.64
N GLU A 114 -6.08 13.62 13.41
CA GLU A 114 -4.71 14.02 13.15
C GLU A 114 -3.74 13.34 14.12
N LYS A 115 -2.45 13.66 13.98
CA LYS A 115 -1.40 13.05 14.79
C LYS A 115 -1.54 11.52 14.82
N CYS A 116 -2.00 10.96 13.70
CA CYS A 116 -2.38 9.55 13.64
C CYS A 116 -1.39 8.75 12.77
N ILE A 117 -0.91 7.64 13.34
CA ILE A 117 -0.09 6.67 12.65
C ILE A 117 -0.95 5.41 12.51
N ARG A 118 -1.01 4.88 11.30
CA ARG A 118 -1.75 3.67 11.01
C ARG A 118 -0.79 2.58 10.46
N VAL A 119 -1.10 1.32 10.73
CA VAL A 119 -0.26 0.20 10.26
C VAL A 119 -1.11 -0.84 9.57
N MSE A 120 -0.63 -1.34 8.43
CA MSE A 120 -1.23 -2.55 7.83
C MSE A 120 -0.15 -3.59 7.67
O MSE A 120 0.85 -3.39 6.97
CB MSE A 120 -1.86 -2.26 6.47
CG MSE A 120 -2.49 -3.51 5.78
SE MSE A 120 -3.16 -2.99 3.99
CE MSE A 120 -4.86 -2.48 4.55
N MSE A 121 -0.40 -4.75 8.28
CA MSE A 121 0.54 -5.82 8.37
C MSE A 121 -0.01 -7.08 7.70
O MSE A 121 -1.04 -7.59 8.10
CB MSE A 121 0.80 -6.08 9.85
CG MSE A 121 1.95 -6.97 10.16
SE MSE A 121 2.10 -7.17 12.09
CE MSE A 121 2.98 -5.48 12.59
N HIS A 122 0.67 -7.57 6.66
CA HIS A 122 0.29 -8.85 6.09
C HIS A 122 1.09 -9.95 6.77
N VAL A 123 0.41 -11.03 7.18
CA VAL A 123 1.09 -12.12 7.89
C VAL A 123 0.74 -13.50 7.35
N ASN A 124 1.73 -14.40 7.39
CA ASN A 124 1.50 -15.83 7.24
C ASN A 124 1.09 -16.40 8.60
N THR A 125 -0.10 -16.98 8.67
CA THR A 125 -0.67 -17.45 9.92
C THR A 125 -1.63 -18.62 9.70
N ASP A 126 -1.77 -19.45 10.73
CA ASP A 126 -2.78 -20.52 10.75
C ASP A 126 -4.12 -20.00 11.33
N LYS A 127 -4.06 -18.89 12.06
CA LYS A 127 -5.27 -18.25 12.59
C LYS A 127 -6.20 -17.84 11.44
N ASP A 128 -7.50 -18.06 11.62
CA ASP A 128 -8.50 -17.70 10.62
C ASP A 128 -8.84 -16.22 10.73
N LYS A 129 -9.31 -15.64 9.63
CA LYS A 129 -9.58 -14.20 9.55
C LYS A 129 -10.27 -13.63 10.81
N LYS A 130 -11.32 -14.32 11.28
CA LYS A 130 -12.10 -13.84 12.43
C LYS A 130 -11.30 -13.77 13.75
N ASP A 131 -10.18 -14.49 13.85
CA ASP A 131 -9.34 -14.53 15.04
C ASP A 131 -8.13 -13.55 15.01
N ILE A 132 -8.00 -12.78 13.92
CA ILE A 132 -7.04 -11.68 13.86
C ILE A 132 -7.48 -10.55 14.80
N LYS A 133 -6.56 -10.06 15.63
CA LYS A 133 -6.86 -8.95 16.54
C LYS A 133 -6.26 -7.63 16.02
N HIS A 134 -7.13 -6.69 15.67
CA HIS A 134 -6.74 -5.34 15.26
C HIS A 134 -6.60 -4.42 16.49
N VAL A 135 -5.64 -3.50 16.45
CA VAL A 135 -5.21 -2.74 17.64
C VAL A 135 -5.35 -1.23 17.44
N TYR A 136 -6.12 -0.60 18.31
CA TYR A 136 -6.37 0.85 18.26
C TYR A 136 -5.97 1.46 19.59
N LEU A 137 -5.01 2.39 19.53
CA LEU A 137 -4.39 2.94 20.74
C LEU A 137 -4.53 4.46 20.81
N ASN A 138 -4.44 4.97 22.05
CA ASN A 138 -4.44 6.41 22.33
C ASN A 138 -5.67 7.12 21.73
N GLY A 139 -5.47 8.18 20.95
CA GLY A 139 -6.57 8.89 20.29
C GLY A 139 -7.21 8.12 19.13
N ALA A 140 -6.59 7.02 18.72
CA ALA A 140 -7.10 6.21 17.61
C ALA A 140 -8.24 5.27 18.00
N LYS A 141 -8.53 5.16 19.30
CA LYS A 141 -9.69 4.38 19.77
C LYS A 141 -11.00 4.92 19.19
N VAL A 142 -11.05 6.24 18.98
CA VAL A 142 -12.15 6.89 18.26
C VAL A 142 -12.52 6.17 16.94
N LEU A 143 -11.51 5.64 16.24
CA LEU A 143 -11.72 4.90 14.99
C LEU A 143 -12.22 3.49 15.33
N VAL B 32 4.22 -16.83 -0.18
CA VAL B 32 3.91 -15.37 -0.25
C VAL B 32 4.83 -14.52 0.62
N TRP B 33 5.78 -13.85 -0.03
CA TRP B 33 6.65 -12.87 0.63
C TRP B 33 6.61 -11.52 -0.07
N ALA B 34 7.31 -10.54 0.50
CA ALA B 34 7.32 -9.19 -0.07
C ALA B 34 8.76 -8.78 -0.28
N ILE B 35 9.01 -8.15 -1.42
CA ILE B 35 10.36 -7.72 -1.82
C ILE B 35 10.37 -6.20 -1.90
N ARG B 36 11.42 -5.59 -1.35
CA ARG B 36 11.62 -4.14 -1.38
C ARG B 36 12.69 -3.73 -2.41
N GLY B 37 12.38 -2.67 -3.15
CA GLY B 37 13.32 -2.05 -4.07
C GLY B 37 13.42 -0.58 -3.78
N ALA B 38 14.57 0.01 -4.06
CA ALA B 38 14.71 1.47 -4.03
C ALA B 38 15.82 1.89 -4.97
N THR B 39 15.63 3.07 -5.57
CA THR B 39 16.62 3.65 -6.43
C THR B 39 16.41 5.17 -6.43
N THR B 40 17.28 5.89 -7.14
CA THR B 40 17.17 7.32 -7.32
C THR B 40 17.26 7.72 -8.79
N VAL B 41 16.81 8.94 -9.06
CA VAL B 41 17.02 9.61 -10.35
C VAL B 41 17.88 10.86 -10.12
N SER B 42 18.52 11.35 -11.18
CA SER B 42 19.25 12.62 -11.12
C SER B 42 18.29 13.79 -11.29
N ASP B 43 17.25 13.60 -12.11
CA ASP B 43 16.36 14.69 -12.48
C ASP B 43 14.89 14.25 -12.44
N ASN B 44 14.01 15.22 -12.24
CA ASN B 44 12.58 15.00 -12.30
C ASN B 44 12.08 15.00 -13.75
N THR B 45 12.45 13.96 -14.49
CA THR B 45 11.97 13.77 -15.84
C THR B 45 11.27 12.41 -15.97
N ALA B 46 10.30 12.34 -16.88
CA ALA B 46 9.56 11.12 -17.15
C ALA B 46 10.51 9.98 -17.54
N ASP B 47 11.40 10.23 -18.49
CA ASP B 47 12.27 9.17 -19.01
C ASP B 47 13.19 8.59 -17.96
N GLU B 48 13.64 9.41 -17.01
CA GLU B 48 14.55 8.94 -15.96
C GLU B 48 13.81 8.16 -14.86
N ILE B 49 12.65 8.65 -14.47
CA ILE B 49 11.78 7.96 -13.54
C ILE B 49 11.43 6.57 -14.12
N VAL B 50 10.99 6.55 -15.37
CA VAL B 50 10.63 5.29 -16.00
C VAL B 50 11.85 4.38 -16.18
N ALA B 51 12.94 4.91 -16.71
CA ALA B 51 14.15 4.10 -16.91
C ALA B 51 14.73 3.55 -15.61
N GLU B 52 14.81 4.38 -14.58
CA GLU B 52 15.37 3.91 -13.30
C GLU B 52 14.47 2.89 -12.60
N THR B 53 13.16 3.05 -12.72
CA THR B 53 12.19 2.10 -12.16
C THR B 53 12.30 0.73 -12.84
N GLN B 54 12.35 0.75 -14.18
CA GLN B 54 12.39 -0.47 -15.01
C GLN B 54 13.62 -1.31 -14.69
N LYS B 55 14.76 -0.62 -14.51
CA LYS B 55 16.01 -1.25 -14.09
C LYS B 55 15.91 -1.91 -12.72
N LEU B 56 15.20 -1.24 -11.81
CA LEU B 56 15.00 -1.76 -10.46
C LEU B 56 14.10 -3.00 -10.49
N LEU B 57 12.97 -2.89 -11.20
CA LEU B 57 12.06 -4.01 -11.37
C LEU B 57 12.76 -5.18 -12.04
N LYS B 58 13.61 -4.88 -13.04
CA LYS B 58 14.34 -5.93 -13.75
C LYS B 58 15.35 -6.63 -12.85
N GLU B 59 16.07 -5.86 -12.04
CA GLU B 59 16.97 -6.47 -11.07
C GLU B 59 16.24 -7.25 -9.97
N MSE B 60 15.10 -6.73 -9.50
CA MSE B 60 14.34 -7.42 -8.45
C MSE B 60 13.89 -8.81 -8.92
O MSE B 60 14.00 -9.80 -8.17
CB MSE B 60 13.14 -6.60 -8.01
CG MSE B 60 13.52 -5.41 -7.16
SE MSE B 60 12.04 -4.17 -6.90
CE MSE B 60 11.09 -5.18 -5.51
N ALA B 61 13.41 -8.89 -10.16
CA ALA B 61 12.97 -10.13 -10.77
C ALA B 61 14.12 -11.13 -10.98
N GLU B 62 15.24 -10.67 -11.55
CA GLU B 62 16.39 -11.53 -11.85
C GLU B 62 16.98 -12.14 -10.59
N LYS B 63 17.31 -11.28 -9.62
CA LYS B 63 17.91 -11.71 -8.35
C LYS B 63 17.04 -12.68 -7.53
N ASN B 64 15.72 -12.64 -7.74
CA ASN B 64 14.81 -13.54 -7.04
C ASN B 64 14.21 -14.61 -7.94
N GLY B 65 14.64 -14.66 -9.20
CA GLY B 65 14.22 -15.69 -10.14
C GLY B 65 12.76 -15.61 -10.50
N LEU B 66 12.28 -14.39 -10.74
CA LEU B 66 10.85 -14.13 -10.90
C LEU B 66 10.45 -13.89 -12.34
N GLU B 67 9.21 -14.24 -12.66
CA GLU B 67 8.54 -13.80 -13.88
C GLU B 67 7.19 -13.20 -13.48
N GLU B 68 6.56 -12.45 -14.39
CA GLU B 68 5.34 -11.71 -14.07
C GLU B 68 4.26 -12.55 -13.33
N ASP B 69 4.09 -13.80 -13.71
CA ASP B 69 3.03 -14.60 -13.08
C ASP B 69 3.41 -15.19 -11.72
N ASP B 70 4.59 -14.84 -11.19
CA ASP B 70 4.91 -15.06 -9.76
C ASP B 70 4.43 -13.87 -8.92
N ILE B 71 4.21 -12.74 -9.57
CA ILE B 71 4.03 -11.47 -8.89
C ILE B 71 2.56 -11.21 -8.59
N ILE B 72 2.27 -10.97 -7.31
CA ILE B 72 0.90 -10.73 -6.83
C ILE B 72 0.50 -9.27 -7.02
N SER B 73 1.42 -8.36 -6.69
CA SER B 73 1.15 -6.93 -6.69
C SER B 73 2.46 -6.14 -6.65
N ILE B 74 2.43 -4.91 -7.18
CA ILE B 74 3.56 -4.02 -7.06
C ILE B 74 3.07 -2.63 -6.64
N ILE B 75 3.60 -2.13 -5.52
CA ILE B 75 3.29 -0.80 -5.05
C ILE B 75 4.55 0.05 -5.28
N PHE B 76 4.33 1.23 -5.87
CA PHE B 76 5.38 2.21 -6.13
C PHE B 76 5.14 3.48 -5.29
N THR B 77 6.22 4.05 -4.74
CA THR B 77 6.21 5.44 -4.23
C THR B 77 7.31 6.30 -4.85
N VAL B 78 7.02 7.58 -5.03
CA VAL B 78 8.07 8.56 -5.37
C VAL B 78 8.04 9.66 -4.31
N THR B 79 9.19 10.25 -4.02
CA THR B 79 9.26 11.43 -3.15
C THR B 79 8.59 12.62 -3.86
N LYS B 80 8.17 13.61 -3.08
CA LYS B 80 7.35 14.73 -3.58
C LYS B 80 8.08 15.56 -4.64
N ASP B 81 9.40 15.51 -4.65
CA ASP B 81 10.22 16.17 -5.68
C ASP B 81 10.16 15.49 -7.09
N LEU B 82 9.55 14.31 -7.17
CA LEU B 82 9.30 13.65 -8.46
C LEU B 82 7.83 13.69 -8.79
N ASP B 83 7.49 14.24 -9.96
CA ASP B 83 6.09 14.28 -10.41
C ASP B 83 5.91 14.15 -11.92
N ALA B 84 6.94 13.69 -12.61
CA ALA B 84 6.97 13.74 -14.08
C ALA B 84 6.24 12.56 -14.71
N ALA B 85 6.20 11.42 -14.03
CA ALA B 85 5.58 10.21 -14.57
C ALA B 85 5.25 9.16 -13.52
N PHE B 86 4.23 8.35 -13.82
CA PHE B 86 3.92 7.14 -13.06
C PHE B 86 5.05 6.15 -13.26
N PRO B 87 5.70 5.71 -12.15
CA PRO B 87 6.71 4.63 -12.28
C PRO B 87 6.14 3.31 -12.82
N ALA B 88 4.82 3.14 -12.71
CA ALA B 88 4.13 1.98 -13.27
C ALA B 88 4.30 1.83 -14.78
N ILE B 89 4.57 2.94 -15.48
CA ILE B 89 4.88 2.91 -16.92
C ILE B 89 5.96 1.86 -17.21
N ALA B 90 6.97 1.78 -16.34
CA ALA B 90 8.04 0.79 -16.47
C ALA B 90 7.55 -0.68 -16.52
N ALA B 91 6.55 -1.01 -15.70
CA ALA B 91 6.00 -2.35 -15.67
C ALA B 91 5.23 -2.64 -16.96
N ARG B 92 4.50 -1.63 -17.43
CA ARG B 92 3.80 -1.70 -18.71
C ARG B 92 4.76 -1.85 -19.90
N ASN B 93 5.92 -1.18 -19.83
CA ASN B 93 6.97 -1.31 -20.87
C ASN B 93 7.51 -2.73 -20.96
N MSE B 94 7.69 -3.35 -19.79
CA MSE B 94 8.16 -4.74 -19.69
C MSE B 94 7.11 -5.76 -20.10
O MSE B 94 7.42 -6.94 -20.24
CB MSE B 94 8.60 -5.04 -18.25
CG MSE B 94 9.84 -4.30 -17.81
SE MSE B 94 10.02 -4.25 -15.87
CE MSE B 94 10.60 -6.04 -15.57
N GLY B 95 5.86 -5.30 -20.28
CA GLY B 95 4.79 -6.18 -20.68
C GLY B 95 4.02 -6.75 -19.50
N TRP B 96 4.27 -6.19 -18.30
CA TRP B 96 3.58 -6.64 -17.08
C TRP B 96 2.20 -6.02 -16.96
N THR B 97 1.32 -6.45 -17.86
CA THR B 97 0.00 -5.87 -18.03
C THR B 97 -1.10 -6.67 -17.32
N SER B 98 -0.72 -7.77 -16.67
CA SER B 98 -1.67 -8.65 -15.97
C SER B 98 -1.53 -8.55 -14.45
N THR B 99 -0.73 -7.60 -13.98
CA THR B 99 -0.39 -7.48 -12.56
C THR B 99 -0.95 -6.21 -11.96
N ALA B 100 -1.54 -6.35 -10.78
CA ALA B 100 -2.06 -5.23 -9.99
C ALA B 100 -0.97 -4.24 -9.56
N LEU B 101 -1.14 -2.97 -9.96
CA LEU B 101 -0.18 -1.89 -9.71
C LEU B 101 -0.82 -0.75 -8.94
N MSE B 102 0.01 0.00 -8.22
CA MSE B 102 -0.45 1.14 -7.45
C MSE B 102 0.70 2.08 -7.20
O MSE B 102 1.80 1.64 -6.86
CB MSE B 102 -1.04 0.65 -6.13
CG MSE B 102 -1.77 1.70 -5.35
SE MSE B 102 -3.64 1.27 -5.05
CE MSE B 102 -4.23 1.50 -6.78
N CYS B 103 0.45 3.38 -7.42
CA CYS B 103 1.46 4.44 -7.30
C CYS B 103 1.04 5.54 -6.31
N MSE B 104 1.87 5.79 -5.32
CA MSE B 104 1.63 6.84 -4.33
C MSE B 104 2.88 7.69 -4.19
O MSE B 104 3.87 7.47 -4.84
CB MSE B 104 1.27 6.26 -2.95
CG MSE B 104 0.04 5.37 -2.91
SE MSE B 104 0.33 3.51 -3.45
CE MSE B 104 -0.87 2.71 -2.12
N ASN B 105 2.80 8.68 -3.32
CA ASN B 105 3.96 9.38 -2.85
C ASN B 105 4.44 8.75 -1.59
N GLU B 106 5.75 8.85 -1.38
CA GLU B 106 6.40 8.48 -0.16
C GLU B 106 5.95 9.45 0.90
N ILE B 107 5.84 8.97 2.13
CA ILE B 107 5.73 9.83 3.30
C ILE B 107 6.68 11.05 3.16
N ASP B 108 6.14 12.24 3.40
CA ASP B 108 6.89 13.47 3.34
C ASP B 108 7.65 13.67 4.67
N VAL B 109 8.95 13.41 4.66
CA VAL B 109 9.81 13.62 5.83
C VAL B 109 10.95 14.53 5.40
N PRO B 110 10.86 15.83 5.77
CA PRO B 110 11.95 16.78 5.54
C PRO B 110 13.32 16.22 5.93
N GLY B 111 14.30 16.35 5.02
CA GLY B 111 15.65 15.86 5.25
C GLY B 111 15.93 14.44 4.77
N SER B 112 14.90 13.75 4.27
CA SER B 112 15.06 12.38 3.81
C SER B 112 15.58 12.33 2.38
N LEU B 113 16.01 11.14 1.97
CA LEU B 113 16.58 10.94 0.65
C LEU B 113 15.70 11.52 -0.45
N GLU B 114 16.30 12.38 -1.25
CA GLU B 114 15.63 13.01 -2.38
C GLU B 114 15.58 12.10 -3.60
N LYS B 115 14.69 12.47 -4.53
CA LYS B 115 14.58 11.88 -5.86
C LYS B 115 14.58 10.35 -5.83
N CYS B 116 13.79 9.79 -4.93
CA CYS B 116 13.83 8.38 -4.61
C CYS B 116 12.53 7.67 -5.03
N ILE B 117 12.70 6.56 -5.73
CA ILE B 117 11.59 5.69 -6.12
C ILE B 117 11.74 4.42 -5.34
N ARG B 118 10.65 3.95 -4.71
CA ARG B 118 10.65 2.71 -3.95
C ARG B 118 9.58 1.74 -4.47
N VAL B 119 9.83 0.46 -4.28
CA VAL B 119 8.97 -0.60 -4.78
C VAL B 119 8.71 -1.59 -3.66
N MSE B 120 7.45 -1.98 -3.51
CA MSE B 120 7.10 -3.13 -2.69
C MSE B 120 6.34 -4.13 -3.57
O MSE B 120 5.24 -3.85 -4.07
CB MSE B 120 6.26 -2.75 -1.49
CG MSE B 120 5.83 -3.93 -0.60
SE MSE B 120 4.70 -3.34 0.86
CE MSE B 120 6.08 -3.14 2.22
N MSE B 121 6.95 -5.30 -3.74
CA MSE B 121 6.46 -6.34 -4.60
C MSE B 121 6.07 -7.57 -3.74
O MSE B 121 6.91 -8.13 -3.04
CB MSE B 121 7.59 -6.69 -5.57
CG MSE B 121 7.21 -7.47 -6.78
SE MSE B 121 8.83 -8.02 -7.70
CE MSE B 121 9.08 -6.49 -8.95
N HIS B 122 4.80 -7.96 -3.77
CA HIS B 122 4.36 -9.22 -3.17
C HIS B 122 4.40 -10.32 -4.24
N VAL B 123 4.98 -11.46 -3.88
CA VAL B 123 5.25 -12.54 -4.82
C VAL B 123 4.84 -13.89 -4.23
N ASN B 124 4.26 -14.74 -5.10
CA ASN B 124 4.12 -16.16 -4.81
C ASN B 124 5.47 -16.79 -5.15
N THR B 125 6.08 -17.48 -4.18
CA THR B 125 7.41 -18.03 -4.39
C THR B 125 7.64 -19.35 -3.61
N ASP B 126 8.61 -20.15 -4.08
CA ASP B 126 8.99 -21.41 -3.43
C ASP B 126 10.15 -21.17 -2.47
N LYS B 127 10.59 -19.92 -2.37
CA LYS B 127 11.72 -19.55 -1.54
C LYS B 127 11.28 -19.16 -0.14
N ASP B 128 12.22 -19.28 0.79
CA ASP B 128 12.03 -18.90 2.19
C ASP B 128 12.30 -17.40 2.35
N LYS B 129 11.60 -16.76 3.29
CA LYS B 129 11.78 -15.32 3.58
C LYS B 129 13.25 -14.92 3.75
N LYS B 130 14.05 -15.79 4.38
CA LYS B 130 15.47 -15.52 4.60
C LYS B 130 16.25 -15.37 3.29
N ASP B 131 15.76 -16.00 2.22
CA ASP B 131 16.43 -16.02 0.92
C ASP B 131 15.97 -14.91 -0.04
N ILE B 132 15.04 -14.06 0.38
CA ILE B 132 14.60 -12.92 -0.43
C ILE B 132 15.72 -11.88 -0.61
N LYS B 133 15.87 -11.36 -1.83
CA LYS B 133 16.94 -10.40 -2.12
C LYS B 133 16.35 -9.03 -2.43
N HIS B 134 16.52 -8.09 -1.52
CA HIS B 134 15.99 -6.74 -1.64
C HIS B 134 17.03 -5.92 -2.39
N VAL B 135 16.56 -5.02 -3.26
CA VAL B 135 17.43 -4.34 -4.22
C VAL B 135 17.51 -2.84 -3.90
N TYR B 136 18.74 -2.36 -3.73
CA TYR B 136 19.01 -0.95 -3.45
C TYR B 136 20.04 -0.41 -4.46
N LEU B 137 19.59 0.49 -5.32
CA LEU B 137 20.38 0.95 -6.44
C LEU B 137 20.62 2.45 -6.40
N ASN B 138 21.69 2.89 -7.04
CA ASN B 138 22.01 4.30 -7.19
C ASN B 138 22.17 4.97 -5.81
N GLY B 139 21.51 6.10 -5.58
CA GLY B 139 21.58 6.78 -4.30
C GLY B 139 20.89 6.07 -3.15
N ALA B 140 19.98 5.14 -3.47
CA ALA B 140 19.23 4.42 -2.44
C ALA B 140 20.06 3.37 -1.68
N LYS B 141 21.30 3.15 -2.08
CA LYS B 141 22.20 2.26 -1.34
C LYS B 141 22.44 2.70 0.12
N VAL B 142 22.23 3.99 0.43
CA VAL B 142 22.20 4.46 1.82
C VAL B 142 20.98 3.95 2.59
N LEU B 143 19.99 3.46 1.83
CA LEU B 143 18.76 2.80 2.31
C LEU B 143 17.62 3.80 2.51
N MSE C 31 -3.08 -19.20 -4.96
CA MSE C 31 -3.74 -18.95 -3.65
C MSE C 31 -4.06 -17.47 -3.47
O MSE C 31 -5.22 -17.05 -3.60
N VAL C 32 -3.03 -16.68 -3.16
CA VAL C 32 -3.17 -15.23 -3.06
C VAL C 32 -2.90 -14.54 -4.40
N TRP C 33 -3.85 -13.73 -4.85
CA TRP C 33 -3.66 -12.79 -5.97
C TRP C 33 -4.23 -11.43 -5.57
N ALA C 34 -3.93 -10.42 -6.38
CA ALA C 34 -4.41 -9.06 -6.14
C ALA C 34 -5.34 -8.60 -7.26
N ILE C 35 -6.37 -7.84 -6.90
CA ILE C 35 -7.32 -7.29 -7.87
C ILE C 35 -7.28 -5.76 -7.85
N ARG C 36 -7.13 -5.17 -9.03
CA ARG C 36 -7.18 -3.73 -9.19
C ARG C 36 -8.58 -3.28 -9.65
N GLY C 37 -9.05 -2.16 -9.08
CA GLY C 37 -10.21 -1.43 -9.56
C GLY C 37 -9.92 0.07 -9.67
N ALA C 38 -10.63 0.73 -10.59
CA ALA C 38 -10.58 2.18 -10.71
C ALA C 38 -11.92 2.70 -11.18
N THR C 39 -12.25 3.90 -10.71
CA THR C 39 -13.50 4.56 -11.07
C THR C 39 -13.32 6.07 -10.94
N THR C 40 -14.26 6.82 -11.51
CA THR C 40 -14.25 8.26 -11.40
C THR C 40 -15.58 8.74 -10.82
N VAL C 41 -15.55 9.94 -10.24
CA VAL C 41 -16.75 10.60 -9.69
C VAL C 41 -16.99 11.93 -10.40
N SER C 42 -18.23 12.42 -10.32
CA SER C 42 -18.61 13.70 -10.91
C SER C 42 -18.20 14.86 -10.02
N ASP C 43 -18.26 14.67 -8.71
CA ASP C 43 -17.89 15.73 -7.78
C ASP C 43 -17.12 15.25 -6.56
N ASN C 44 -16.29 16.15 -6.03
CA ASN C 44 -15.68 15.96 -4.72
C ASN C 44 -16.72 16.12 -3.60
N THR C 45 -17.57 15.09 -3.46
CA THR C 45 -18.56 15.05 -2.39
C THR C 45 -18.54 13.67 -1.73
N ALA C 46 -18.95 13.61 -0.47
CA ALA C 46 -18.95 12.37 0.31
C ALA C 46 -19.90 11.31 -0.26
N ASP C 47 -21.01 11.75 -0.84
CA ASP C 47 -22.00 10.86 -1.43
C ASP C 47 -21.49 10.19 -2.69
N GLU C 48 -20.84 10.98 -3.54
CA GLU C 48 -20.28 10.47 -4.79
C GLU C 48 -19.10 9.53 -4.55
N ILE C 49 -18.17 9.96 -3.70
CA ILE C 49 -16.99 9.16 -3.34
C ILE C 49 -17.41 7.79 -2.79
N VAL C 50 -18.35 7.79 -1.85
CA VAL C 50 -18.76 6.55 -1.18
C VAL C 50 -19.57 5.64 -2.10
N ALA C 51 -20.50 6.21 -2.84
CA ALA C 51 -21.39 5.45 -3.71
C ALA C 51 -20.62 4.86 -4.90
N GLU C 52 -19.76 5.66 -5.52
CA GLU C 52 -18.97 5.15 -6.65
C GLU C 52 -17.92 4.13 -6.22
N THR C 53 -17.42 4.27 -5.00
CA THR C 53 -16.51 3.28 -4.46
C THR C 53 -17.25 1.98 -4.18
N GLN C 54 -18.48 2.10 -3.69
CA GLN C 54 -19.32 0.93 -3.36
C GLN C 54 -19.67 0.12 -4.61
N LYS C 55 -20.05 0.80 -5.68
CA LYS C 55 -20.35 0.14 -6.96
C LYS C 55 -19.12 -0.58 -7.49
N LEU C 56 -17.96 0.06 -7.35
CA LEU C 56 -16.69 -0.53 -7.79
C LEU C 56 -16.35 -1.80 -7.00
N LEU C 57 -16.46 -1.75 -5.67
CA LEU C 57 -16.23 -2.92 -4.83
C LEU C 57 -17.20 -4.06 -5.13
N LYS C 58 -18.47 -3.74 -5.33
CA LYS C 58 -19.52 -4.73 -5.63
C LYS C 58 -19.21 -5.43 -6.95
N GLU C 59 -18.97 -4.63 -8.00
CA GLU C 59 -18.46 -5.09 -9.28
C GLU C 59 -17.20 -5.97 -9.15
N MSE C 60 -16.23 -5.54 -8.35
CA MSE C 60 -15.00 -6.34 -8.14
C MSE C 60 -15.28 -7.69 -7.50
O MSE C 60 -14.70 -8.71 -7.89
CB MSE C 60 -13.99 -5.58 -7.30
CG MSE C 60 -13.36 -4.41 -8.02
SE MSE C 60 -12.21 -3.37 -6.82
CE MSE C 60 -10.72 -4.54 -6.83
N ALA C 61 -16.18 -7.70 -6.50
CA ALA C 61 -16.59 -8.93 -5.82
C ALA C 61 -17.42 -9.85 -6.72
N GLU C 62 -18.34 -9.27 -7.50
CA GLU C 62 -19.21 -10.06 -8.41
C GLU C 62 -18.41 -10.78 -9.48
N LYS C 63 -17.68 -10.02 -10.29
CA LYS C 63 -16.88 -10.57 -11.40
C LYS C 63 -15.81 -11.58 -10.94
N ASN C 64 -15.41 -11.53 -9.67
CA ASN C 64 -14.47 -12.51 -9.13
C ASN C 64 -15.09 -13.49 -8.13
N GLY C 65 -16.43 -13.49 -8.02
CA GLY C 65 -17.15 -14.42 -7.14
C GLY C 65 -16.69 -14.40 -5.68
N LEU C 66 -16.46 -13.21 -5.14
CA LEU C 66 -15.84 -13.06 -3.83
C LEU C 66 -16.87 -12.71 -2.79
N GLU C 67 -16.70 -13.24 -1.58
CA GLU C 67 -17.38 -12.76 -0.37
C GLU C 67 -16.31 -12.20 0.55
N GLU C 68 -16.72 -11.43 1.58
CA GLU C 68 -15.76 -10.85 2.54
C GLU C 68 -14.76 -11.86 3.14
N ASP C 69 -15.20 -13.10 3.36
CA ASP C 69 -14.31 -14.22 3.79
C ASP C 69 -13.05 -14.39 2.92
N ASP C 70 -13.16 -14.03 1.64
CA ASP C 70 -12.08 -14.24 0.68
C ASP C 70 -11.06 -13.10 0.65
N ILE C 71 -11.45 -11.94 1.20
CA ILE C 71 -10.68 -10.69 1.07
C ILE C 71 -9.66 -10.54 2.21
N ILE C 72 -8.39 -10.37 1.82
CA ILE C 72 -7.30 -10.22 2.77
C ILE C 72 -7.17 -8.75 3.19
N SER C 73 -7.15 -7.86 2.20
CA SER C 73 -6.98 -6.43 2.46
C SER C 73 -7.51 -5.56 1.31
N ILE C 74 -7.83 -4.31 1.64
CA ILE C 74 -8.25 -3.33 0.65
C ILE C 74 -7.54 -2.01 0.86
N ILE C 75 -6.77 -1.60 -0.15
CA ILE C 75 -6.06 -0.35 -0.18
C ILE C 75 -6.77 0.58 -1.15
N PHE C 76 -7.13 1.78 -0.68
CA PHE C 76 -7.77 2.79 -1.51
C PHE C 76 -6.83 3.96 -1.76
N THR C 77 -6.89 4.52 -2.97
CA THR C 77 -6.29 5.83 -3.25
C THR C 77 -7.31 6.74 -3.91
N VAL C 78 -7.18 8.03 -3.64
CA VAL C 78 -7.90 9.03 -4.40
C VAL C 78 -6.90 10.05 -4.89
N THR C 79 -7.22 10.67 -6.02
CA THR C 79 -6.44 11.78 -6.55
C THR C 79 -6.61 13.03 -5.67
N LYS C 80 -5.63 13.92 -5.74
CA LYS C 80 -5.57 15.14 -4.89
C LYS C 80 -6.87 15.97 -4.84
N ASP C 81 -7.59 15.99 -5.96
CA ASP C 81 -8.86 16.73 -6.07
C ASP C 81 -10.04 16.11 -5.29
N LEU C 82 -9.86 14.92 -4.71
CA LEU C 82 -10.88 14.32 -3.83
C LEU C 82 -10.41 14.31 -2.37
N ASP C 83 -11.17 14.96 -1.49
CA ASP C 83 -10.89 14.95 -0.03
C ASP C 83 -12.16 14.88 0.85
N ALA C 84 -13.33 14.73 0.23
CA ALA C 84 -14.59 14.88 0.96
C ALA C 84 -14.91 13.69 1.86
N ALA C 85 -14.37 12.51 1.56
CA ALA C 85 -14.52 11.37 2.46
C ALA C 85 -13.53 10.23 2.18
N PHE C 86 -13.46 9.31 3.14
CA PHE C 86 -12.72 8.05 3.02
C PHE C 86 -13.50 7.07 2.14
N PRO C 87 -12.91 6.61 1.02
CA PRO C 87 -13.61 5.57 0.24
C PRO C 87 -13.88 4.29 1.03
N ALA C 88 -13.07 4.05 2.07
CA ALA C 88 -13.21 2.88 2.96
C ALA C 88 -14.59 2.77 3.64
N ILE C 89 -15.31 3.88 3.74
CA ILE C 89 -16.70 3.88 4.25
C ILE C 89 -17.61 2.99 3.39
N ALA C 90 -17.34 2.93 2.08
CA ALA C 90 -18.10 2.08 1.16
C ALA C 90 -18.09 0.62 1.56
N ALA C 91 -16.91 0.10 1.93
CA ALA C 91 -16.78 -1.29 2.38
C ALA C 91 -17.55 -1.55 3.67
N ARG C 92 -17.54 -0.57 4.57
CA ARG C 92 -18.28 -0.64 5.82
C ARG C 92 -19.81 -0.64 5.58
N ASN C 93 -20.29 0.22 4.68
CA ASN C 93 -21.71 0.25 4.29
C ASN C 93 -22.24 -1.12 3.86
N MSE C 94 -21.47 -1.79 3.00
CA MSE C 94 -21.87 -3.08 2.45
C MSE C 94 -21.49 -4.28 3.34
O MSE C 94 -21.47 -5.43 2.89
CB MSE C 94 -21.29 -3.23 1.04
CG MSE C 94 -19.77 -3.28 0.94
SE MSE C 94 -19.18 -2.82 -0.87
CE MSE C 94 -20.06 -4.31 -1.81
N GLY C 95 -21.19 -4.00 4.60
CA GLY C 95 -21.01 -5.03 5.60
C GLY C 95 -19.64 -5.65 5.68
N TRP C 96 -18.64 -5.04 5.05
CA TRP C 96 -17.27 -5.54 5.15
C TRP C 96 -16.59 -4.87 6.35
N THR C 97 -17.00 -5.32 7.54
CA THR C 97 -16.60 -4.73 8.79
C THR C 97 -15.50 -5.55 9.47
N SER C 98 -15.06 -6.64 8.83
CA SER C 98 -14.00 -7.50 9.37
C SER C 98 -12.74 -7.51 8.50
N THR C 99 -12.58 -6.51 7.65
CA THR C 99 -11.50 -6.49 6.65
C THR C 99 -10.58 -5.30 6.88
N ALA C 100 -9.27 -5.56 6.77
CA ALA C 100 -8.24 -4.53 6.89
C ALA C 100 -8.31 -3.60 5.68
N LEU C 101 -8.53 -2.32 5.97
CA LEU C 101 -8.65 -1.26 4.97
C LEU C 101 -7.55 -0.24 5.18
N MSE C 102 -7.21 0.51 4.13
CA MSE C 102 -6.22 1.58 4.22
C MSE C 102 -6.42 2.55 3.06
O MSE C 102 -6.69 2.11 1.92
CB MSE C 102 -4.79 1.00 4.23
CG MSE C 102 -3.67 2.04 4.39
SE MSE C 102 -2.00 1.38 5.28
CE MSE C 102 -2.77 1.54 7.10
N CYS C 103 -6.32 3.85 3.34
CA CYS C 103 -6.56 4.88 2.34
C CYS C 103 -5.42 5.89 2.28
N MSE C 104 -4.95 6.15 1.06
CA MSE C 104 -3.90 7.12 0.78
C MSE C 104 -4.36 8.00 -0.35
O MSE C 104 -5.43 7.81 -0.91
CB MSE C 104 -2.60 6.42 0.36
CG MSE C 104 -2.00 5.44 1.38
SE MSE C 104 -2.87 3.69 1.41
CE MSE C 104 -1.23 2.67 1.65
N ASN C 105 -3.54 8.97 -0.71
CA ASN C 105 -3.73 9.69 -1.95
C ASN C 105 -2.89 9.05 -3.03
N GLU C 106 -3.36 9.18 -4.26
CA GLU C 106 -2.63 8.70 -5.42
C GLU C 106 -1.37 9.55 -5.59
N ILE C 107 -0.35 8.96 -6.19
CA ILE C 107 0.82 9.73 -6.63
C ILE C 107 0.37 11.02 -7.32
N ASP C 108 0.99 12.14 -6.94
CA ASP C 108 0.71 13.45 -7.54
C ASP C 108 1.47 13.59 -8.88
N VAL C 109 0.73 13.54 -9.98
CA VAL C 109 1.28 13.76 -11.32
C VAL C 109 0.33 14.70 -12.08
N PRO C 110 0.71 16.00 -12.20
CA PRO C 110 -0.18 16.98 -12.85
C PRO C 110 -0.54 16.61 -14.29
N GLY C 111 -1.84 16.50 -14.59
CA GLY C 111 -2.31 16.07 -15.91
C GLY C 111 -2.85 14.64 -15.95
N SER C 112 -2.68 13.88 -14.86
CA SER C 112 -3.22 12.51 -14.76
C SER C 112 -4.74 12.55 -14.61
N LEU C 113 -5.37 11.38 -14.69
CA LEU C 113 -6.82 11.28 -14.54
C LEU C 113 -7.27 11.86 -13.19
N GLU C 114 -8.19 12.82 -13.26
CA GLU C 114 -8.71 13.49 -12.09
C GLU C 114 -9.96 12.78 -11.61
N LYS C 115 -10.40 13.11 -10.40
CA LYS C 115 -11.62 12.56 -9.78
C LYS C 115 -11.62 11.02 -9.70
N CYS C 116 -10.45 10.43 -9.51
CA CYS C 116 -10.26 8.99 -9.67
C CYS C 116 -10.01 8.27 -8.34
N ILE C 117 -10.85 7.27 -8.07
CA ILE C 117 -10.68 6.35 -6.96
C ILE C 117 -10.11 5.01 -7.46
N ARG C 118 -8.98 4.60 -6.90
CA ARG C 118 -8.38 3.29 -7.19
C ARG C 118 -8.45 2.36 -5.98
N VAL C 119 -8.54 1.07 -6.26
CA VAL C 119 -8.66 0.02 -5.26
C VAL C 119 -7.70 -1.10 -5.60
N MSE C 120 -6.92 -1.54 -4.61
CA MSE C 120 -6.11 -2.73 -4.73
C MSE C 120 -6.58 -3.75 -3.67
O MSE C 120 -6.52 -3.49 -2.46
CB MSE C 120 -4.63 -2.41 -4.53
CG MSE C 120 -3.73 -3.65 -4.49
SE MSE C 120 -1.83 -3.22 -4.37
CE MSE C 120 -1.46 -2.99 -6.33
N MSE C 121 -7.03 -4.89 -4.13
CA MSE C 121 -7.63 -5.88 -3.26
C MSE C 121 -6.84 -7.19 -3.28
O MSE C 121 -6.79 -7.86 -4.31
CB MSE C 121 -9.06 -6.12 -3.73
CG MSE C 121 -9.91 -6.91 -2.78
SE MSE C 121 -11.64 -7.16 -3.59
CE MSE C 121 -12.43 -5.44 -3.44
N HIS C 122 -6.23 -7.55 -2.16
CA HIS C 122 -5.59 -8.86 -2.00
C HIS C 122 -6.63 -9.90 -1.56
N VAL C 123 -6.66 -11.05 -2.24
CA VAL C 123 -7.71 -12.05 -1.98
C VAL C 123 -7.15 -13.45 -1.96
N ASN C 124 -7.86 -14.33 -1.27
CA ASN C 124 -7.58 -15.75 -1.31
C ASN C 124 -8.56 -16.33 -2.33
N THR C 125 -8.04 -16.96 -3.37
CA THR C 125 -8.87 -17.47 -4.48
C THR C 125 -8.29 -18.72 -5.11
N ASP C 126 -9.16 -19.50 -5.74
CA ASP C 126 -8.75 -20.72 -6.44
C ASP C 126 -8.59 -20.46 -7.95
N LYS C 127 -8.87 -19.22 -8.36
CA LYS C 127 -8.66 -18.81 -9.75
C LYS C 127 -7.19 -18.55 -10.01
N ASP C 128 -6.80 -18.68 -11.28
CA ASP C 128 -5.44 -18.35 -11.73
C ASP C 128 -5.34 -16.86 -11.93
N LYS C 129 -4.12 -16.33 -11.84
CA LYS C 129 -3.85 -14.90 -12.07
C LYS C 129 -4.53 -14.39 -13.35
N LYS C 130 -4.37 -15.15 -14.44
CA LYS C 130 -4.95 -14.83 -15.74
C LYS C 130 -6.48 -14.77 -15.75
N ASP C 131 -7.13 -15.40 -14.77
CA ASP C 131 -8.58 -15.43 -14.66
C ASP C 131 -9.16 -14.28 -13.81
N ILE C 132 -8.32 -13.69 -12.96
CA ILE C 132 -8.75 -12.54 -12.14
C ILE C 132 -9.29 -11.45 -13.07
N LYS C 133 -10.40 -10.83 -12.68
CA LYS C 133 -10.96 -9.73 -13.45
C LYS C 133 -10.71 -8.40 -12.73
N HIS C 134 -9.85 -7.58 -13.31
CA HIS C 134 -9.66 -6.22 -12.84
C HIS C 134 -10.78 -5.37 -13.41
N VAL C 135 -11.19 -4.34 -12.66
CA VAL C 135 -12.39 -3.57 -13.00
C VAL C 135 -12.08 -2.10 -13.22
N TYR C 136 -12.49 -1.57 -14.36
CA TYR C 136 -12.32 -0.15 -14.69
C TYR C 136 -13.67 0.44 -15.01
N LEU C 137 -14.15 1.38 -14.19
CA LEU C 137 -15.49 1.96 -14.38
C LEU C 137 -15.45 3.47 -14.61
N ASN C 138 -16.55 3.97 -15.19
CA ASN C 138 -16.69 5.39 -15.50
C ASN C 138 -15.48 5.88 -16.28
N GLY C 139 -15.01 7.09 -15.98
CA GLY C 139 -13.85 7.65 -16.67
C GLY C 139 -12.58 6.84 -16.54
N ALA C 140 -12.50 5.95 -15.55
CA ALA C 140 -11.32 5.11 -15.34
C ALA C 140 -11.11 4.03 -16.41
N LYS C 141 -12.14 3.80 -17.24
CA LYS C 141 -12.00 2.88 -18.38
C LYS C 141 -10.83 3.24 -19.30
N VAL C 142 -10.53 4.54 -19.39
CA VAL C 142 -9.39 5.04 -20.17
C VAL C 142 -8.03 4.52 -19.66
N LEU C 143 -7.96 4.12 -18.40
CA LEU C 143 -6.72 3.56 -17.86
C LEU C 143 -6.60 2.10 -18.32
UNK UNX D . 2.60 9.41 -16.19
UNK UNX E . -19.96 -10.94 2.21
#